data_7KDA
#
_entry.id   7KDA
#
_cell.length_a   68.124
_cell.length_b   94.028
_cell.length_c   116.891
_cell.angle_alpha   90.00
_cell.angle_beta   90.00
_cell.angle_gamma   90.00
#
_symmetry.space_group_name_H-M   'I 2 2 2'
#
loop_
_entity.id
_entity.type
_entity.pdbx_description
1 polymer 'S-adenosylmethionine synthase isoform type-2'
2 non-polymer S-ADENOSYLMETHIONINE
3 non-polymer 'CHLORIDE ION'
4 non-polymer 2-AMINO-2-HYDROXYMETHYL-PROPANE-1,3-DIOL
5 non-polymer GLYCEROL
6 non-polymer 2,3-diphenyl-5-[(1H-pyrazol-3-yl)amino]pyrazolo[1,5-a]pyrimidin-7(4H)-one
7 water water
#
_entity_poly.entity_id   1
_entity_poly.type   'polypeptide(L)'
_entity_poly.pdbx_seq_one_letter_code
;SMNGQLNGFHEAFIEEGTFLFTSESVGEGHPDKICDQISDAVLDAHLQQDPDAKVACETVAKTGMILLAGEITSRAAVDY
QKVVREAVKHIGYDDSSKGFDYKTCNVLVALEQQSPDIAQGVHLDRNEEDIGAGDQGLMFGYATDETEECMPLTIVLAHK
LNAKLAELRRNGTLPWLRPDSKTQVTVQYMQDRGAVLPIRVHTIVISVQHDEEVCLDEMRDALKEKVIKAVVPAKYLDED
TIYHLQPSGRFVIGGPQGDAGLTGRKIIVDTYGGWGAHGGGAFSGKDYTKVDRSAAYAARWVAKSLVKGGLCRRVLVQVS
YAIGVSHPLSISIFHYGTSQKSERELLEIVKKNFDLRPGVIVRDLDLKKPIYQRTAAYGHFGRDSFPWEVPKKLKY
;
_entity_poly.pdbx_strand_id   A
#
# COMPACT_ATOMS: atom_id res chain seq x y z
N GLU A 16 -32.11 2.15 -8.88
CA GLU A 16 -32.00 3.55 -8.49
C GLU A 16 -31.15 3.67 -7.23
N GLY A 17 -30.30 4.69 -7.21
CA GLY A 17 -29.38 4.87 -6.10
C GLY A 17 -28.23 3.90 -6.10
N THR A 18 -28.13 3.01 -7.09
CA THR A 18 -26.98 2.11 -7.17
C THR A 18 -25.96 2.65 -8.16
N PHE A 19 -24.73 2.21 -7.98
CA PHE A 19 -23.65 2.61 -8.86
C PHE A 19 -22.61 1.51 -8.85
N LEU A 20 -21.77 1.50 -9.87
CA LEU A 20 -20.62 0.62 -9.93
C LEU A 20 -19.37 1.35 -9.48
N PHE A 21 -18.47 0.62 -8.84
CA PHE A 21 -17.17 1.17 -8.50
C PHE A 21 -16.13 0.08 -8.64
N THR A 22 -14.96 0.45 -9.20
CA THR A 22 -13.88 -0.49 -9.50
C THR A 22 -12.63 -0.12 -8.75
N SER A 23 -11.95 -1.13 -8.22
CA SER A 23 -10.60 -0.98 -7.69
C SER A 23 -9.71 -2.11 -8.22
N GLU A 24 -8.40 -1.90 -8.17
CA GLU A 24 -7.44 -2.92 -8.59
C GLU A 24 -6.40 -3.18 -7.50
N SER A 25 -5.71 -4.30 -7.65
CA SER A 25 -4.53 -4.59 -6.86
C SER A 25 -3.54 -5.31 -7.74
N VAL A 26 -2.30 -5.45 -7.25
CA VAL A 26 -1.27 -6.17 -7.98
C VAL A 26 -0.54 -7.11 -7.03
N GLY A 27 0.11 -8.10 -7.61
CA GLY A 27 0.86 -9.08 -6.83
C GLY A 27 2.26 -8.64 -6.46
N GLU A 28 2.90 -9.51 -5.66
CA GLU A 28 4.22 -9.23 -5.14
C GLU A 28 5.26 -9.12 -6.24
N GLY A 29 5.06 -9.80 -7.36
CA GLY A 29 6.00 -9.75 -8.47
C GLY A 29 5.64 -8.77 -9.55
N HIS A 30 4.59 -7.99 -9.37
CA HIS A 30 4.34 -6.90 -10.29
C HIS A 30 5.54 -5.96 -10.23
N PRO A 31 6.08 -5.48 -11.35
CA PRO A 31 7.38 -4.78 -11.31
C PRO A 31 7.38 -3.52 -10.45
N ASP A 32 6.29 -2.75 -10.41
CA ASP A 32 6.24 -1.60 -9.53
C ASP A 32 6.27 -2.04 -8.08
N LYS A 33 5.52 -3.09 -7.76
CA LYS A 33 5.50 -3.60 -6.40
C LYS A 33 6.84 -4.19 -5.99
N ILE A 34 7.57 -4.83 -6.92
CA ILE A 34 8.93 -5.28 -6.62
C ILE A 34 9.73 -4.10 -6.07
N CYS A 35 9.65 -2.97 -6.77
CA CYS A 35 10.40 -1.79 -6.38
C CYS A 35 9.98 -1.28 -5.02
N ASP A 36 8.68 -1.22 -4.74
CA ASP A 36 8.24 -0.81 -3.40
C ASP A 36 8.81 -1.73 -2.33
N GLN A 37 8.77 -3.03 -2.55
CA GLN A 37 9.27 -3.98 -1.56
C GLN A 37 10.79 -3.85 -1.38
N ILE A 38 11.55 -3.66 -2.45
CA ILE A 38 12.98 -3.49 -2.33
C ILE A 38 13.30 -2.20 -1.59
N SER A 39 12.62 -1.10 -1.94
CA SER A 39 12.83 0.16 -1.25
C SER A 39 12.60 0.01 0.25
N ASP A 40 11.56 -0.72 0.64
CA ASP A 40 11.29 -0.91 2.06
C ASP A 40 12.21 -1.95 2.71
N ALA A 41 12.70 -2.93 1.95
CA ALA A 41 13.75 -3.80 2.47
C ALA A 41 15.00 -3.01 2.80
N VAL A 42 15.34 -2.03 1.97
CA VAL A 42 16.50 -1.17 2.22
C VAL A 42 16.26 -0.32 3.46
N LEU A 43 15.07 0.31 3.54
CA LEU A 43 14.72 1.07 4.72
C LEU A 43 14.86 0.22 5.98
N ASP A 44 14.27 -0.98 5.97
CA ASP A 44 14.30 -1.82 7.16
C ASP A 44 15.74 -2.18 7.52
N ALA A 45 16.58 -2.47 6.52
CA ALA A 45 17.96 -2.84 6.81
C ALA A 45 18.69 -1.71 7.49
N HIS A 46 18.46 -0.48 7.06
CA HIS A 46 19.03 0.67 7.75
C HIS A 46 18.50 0.80 9.17
N LEU A 47 17.18 0.72 9.33
CA LEU A 47 16.58 0.94 10.64
C LEU A 47 16.97 -0.13 11.65
N GLN A 48 17.28 -1.33 11.20
CA GLN A 48 17.74 -2.37 12.11
C GLN A 48 19.02 -1.96 12.82
N GLN A 49 19.87 -1.18 12.17
CA GLN A 49 21.13 -0.74 12.74
C GLN A 49 21.11 0.68 13.26
N ASP A 50 20.31 1.56 12.63
CA ASP A 50 20.29 2.98 12.97
C ASP A 50 18.81 3.39 12.96
N PRO A 51 18.14 3.40 14.10
CA PRO A 51 16.72 3.78 14.13
C PRO A 51 16.45 5.16 13.60
N ASP A 52 17.45 6.04 13.56
CA ASP A 52 17.30 7.41 13.10
C ASP A 52 17.80 7.62 11.68
N ALA A 53 17.99 6.54 10.92
CA ALA A 53 18.42 6.68 9.54
C ALA A 53 17.45 7.56 8.76
N LYS A 54 18.03 8.41 7.89
CA LYS A 54 17.27 9.25 6.95
C LYS A 54 17.35 8.54 5.62
N VAL A 55 16.22 8.08 5.11
CA VAL A 55 16.16 7.19 3.96
C VAL A 55 15.14 7.71 2.97
N ALA A 56 15.55 7.80 1.71
CA ALA A 56 14.71 8.19 0.60
C ALA A 56 15.17 7.36 -0.59
N CYS A 57 14.82 6.06 -0.59
CA CYS A 57 15.37 5.10 -1.53
C CYS A 57 14.35 4.75 -2.60
N GLU A 58 14.61 5.16 -3.83
CA GLU A 58 13.80 4.78 -4.98
C GLU A 58 14.44 3.57 -5.63
N THR A 59 13.62 2.68 -6.17
CA THR A 59 14.06 1.50 -6.91
C THR A 59 13.46 1.54 -8.29
N VAL A 60 14.25 1.15 -9.29
CA VAL A 60 13.82 1.01 -10.67
C VAL A 60 14.16 -0.39 -11.11
N ALA A 61 13.23 -1.03 -11.81
CA ALA A 61 13.43 -2.39 -12.28
C ALA A 61 13.13 -2.49 -13.76
N LYS A 62 14.01 -3.12 -14.51
CA LYS A 62 13.78 -3.45 -15.92
C LYS A 62 14.50 -4.77 -16.15
N THR A 63 14.42 -5.34 -17.34
CA THR A 63 15.04 -6.64 -17.61
C THR A 63 16.44 -6.70 -17.02
N GLY A 64 16.65 -7.65 -16.12
CA GLY A 64 17.97 -7.90 -15.58
C GLY A 64 18.52 -6.87 -14.61
N MET A 65 17.76 -5.86 -14.23
CA MET A 65 18.31 -4.73 -13.50
C MET A 65 17.43 -4.30 -12.34
N ILE A 66 18.05 -4.13 -11.17
CA ILE A 66 17.52 -3.33 -10.07
C ILE A 66 18.49 -2.19 -9.88
N LEU A 67 18.00 -0.96 -9.96
CA LEU A 67 18.77 0.24 -9.66
C LEU A 67 18.18 0.90 -8.42
N LEU A 68 19.02 1.23 -7.46
CA LEU A 68 18.65 2.03 -6.30
C LEU A 68 19.13 3.46 -6.54
N ALA A 69 18.26 4.43 -6.40
CA ALA A 69 18.60 5.83 -6.57
C ALA A 69 17.97 6.66 -5.46
N GLY A 70 18.68 7.61 -4.91
CA GLY A 70 18.11 8.40 -3.86
C GLY A 70 19.16 8.79 -2.83
N GLU A 71 18.66 9.02 -1.61
CA GLU A 71 19.43 9.72 -0.59
C GLU A 71 19.27 9.00 0.74
N ILE A 72 20.40 8.60 1.31
CA ILE A 72 20.42 7.93 2.61
C ILE A 72 21.56 8.50 3.44
N THR A 73 21.26 8.96 4.65
CA THR A 73 22.26 9.30 5.65
C THR A 73 21.99 8.44 6.87
N SER A 74 22.94 7.58 7.21
CA SER A 74 22.70 6.51 8.18
C SER A 74 24.03 6.03 8.72
N ARG A 75 24.03 5.63 9.98
CA ARG A 75 25.18 4.98 10.60
C ARG A 75 25.26 3.49 10.27
N ALA A 76 24.25 2.94 9.62
CA ALA A 76 24.25 1.51 9.32
C ALA A 76 25.28 1.19 8.24
N ALA A 77 25.74 -0.05 8.25
CA ALA A 77 26.54 -0.62 7.16
C ALA A 77 25.66 -1.66 6.48
N VAL A 78 25.13 -1.33 5.31
CA VAL A 78 24.14 -2.14 4.62
C VAL A 78 24.76 -2.72 3.35
N ASP A 79 24.57 -4.03 3.17
CA ASP A 79 25.05 -4.75 1.97
C ASP A 79 23.88 -4.72 0.99
N TYR A 80 23.88 -3.72 0.09
CA TYR A 80 22.77 -3.55 -0.84
C TYR A 80 22.58 -4.74 -1.77
N GLN A 81 23.68 -5.38 -2.20
CA GLN A 81 23.55 -6.58 -3.03
C GLN A 81 22.72 -7.62 -2.31
N LYS A 82 23.05 -7.89 -1.05
CA LYS A 82 22.35 -8.92 -0.32
C LYS A 82 20.89 -8.54 -0.07
N VAL A 83 20.65 -7.30 0.34
CA VAL A 83 19.29 -6.90 0.67
C VAL A 83 18.40 -6.98 -0.57
N VAL A 84 18.87 -6.44 -1.68
CA VAL A 84 18.07 -6.47 -2.89
C VAL A 84 17.81 -7.89 -3.34
N ARG A 85 18.84 -8.72 -3.37
CA ARG A 85 18.69 -10.06 -3.92
C ARG A 85 17.81 -10.91 -3.03
N GLU A 86 17.91 -10.76 -1.70
CA GLU A 86 17.03 -11.50 -0.84
C GLU A 86 15.57 -11.09 -1.00
N ALA A 87 15.31 -9.81 -1.26
CA ALA A 87 13.93 -9.40 -1.47
C ALA A 87 13.36 -10.02 -2.75
N VAL A 88 14.15 -10.05 -3.82
CA VAL A 88 13.71 -10.62 -5.09
C VAL A 88 13.51 -12.13 -4.94
N LYS A 89 14.40 -12.78 -4.21
CA LYS A 89 14.25 -14.20 -3.90
C LYS A 89 12.92 -14.46 -3.21
N HIS A 90 12.59 -13.68 -2.18
CA HIS A 90 11.34 -13.85 -1.43
C HIS A 90 10.13 -13.73 -2.34
N ILE A 91 10.17 -12.79 -3.28
CA ILE A 91 9.08 -12.59 -4.23
C ILE A 91 8.90 -13.79 -5.13
N GLY A 92 9.98 -14.47 -5.48
CA GLY A 92 9.91 -15.69 -6.25
C GLY A 92 10.62 -15.68 -7.60
N TYR A 93 11.35 -14.62 -7.91
CA TYR A 93 12.07 -14.52 -9.19
C TYR A 93 13.45 -15.13 -9.02
N ASP A 94 13.56 -16.41 -9.34
CA ASP A 94 14.73 -17.21 -9.02
C ASP A 94 15.24 -18.01 -10.22
N ASP A 95 14.88 -17.65 -11.44
CA ASP A 95 15.37 -18.41 -12.58
C ASP A 95 15.12 -17.63 -13.85
N SER A 96 16.04 -17.76 -14.80
CA SER A 96 15.89 -17.07 -16.07
C SER A 96 14.64 -17.51 -16.81
N SER A 97 14.14 -18.73 -16.56
CA SER A 97 12.91 -19.15 -17.21
C SER A 97 11.71 -18.31 -16.80
N LYS A 98 11.75 -17.68 -15.61
CA LYS A 98 10.67 -16.84 -15.11
C LYS A 98 10.82 -15.39 -15.52
N GLY A 99 11.93 -15.06 -16.19
CA GLY A 99 12.18 -13.73 -16.69
C GLY A 99 13.07 -12.88 -15.80
N PHE A 100 13.43 -13.35 -14.61
CA PHE A 100 14.22 -12.55 -13.68
C PHE A 100 14.75 -13.50 -12.63
N ASP A 101 15.99 -13.28 -12.20
CA ASP A 101 16.64 -14.17 -11.23
C ASP A 101 17.47 -13.35 -10.27
N TYR A 102 17.12 -13.42 -8.97
CA TYR A 102 17.88 -12.73 -7.94
C TYR A 102 19.35 -13.12 -7.92
N LYS A 103 19.69 -14.33 -8.37
CA LYS A 103 21.07 -14.78 -8.28
C LYS A 103 21.96 -14.07 -9.30
N THR A 104 21.39 -13.68 -10.44
CA THR A 104 22.20 -13.28 -11.59
C THR A 104 21.83 -11.93 -12.16
N CYS A 105 20.85 -11.21 -11.60
CA CYS A 105 20.51 -9.88 -12.11
C CYS A 105 21.60 -8.88 -11.70
N ASN A 106 21.59 -7.73 -12.37
CA ASN A 106 22.45 -6.60 -12.06
C ASN A 106 21.78 -5.79 -10.97
N VAL A 107 22.55 -5.44 -9.95
CA VAL A 107 22.14 -4.48 -8.92
C VAL A 107 23.10 -3.29 -8.99
N LEU A 108 22.57 -2.13 -9.40
N LEU A 108 22.55 -2.13 -9.28
CA LEU A 108 23.32 -0.88 -9.52
CA LEU A 108 23.28 -0.89 -9.50
C LEU A 108 22.86 0.05 -8.40
C LEU A 108 22.84 0.10 -8.44
N VAL A 109 23.78 0.85 -7.85
CA VAL A 109 23.49 1.75 -6.76
C VAL A 109 23.94 3.16 -7.07
N ALA A 110 23.01 4.13 -7.00
CA ALA A 110 23.27 5.55 -7.18
C ALA A 110 22.68 6.28 -5.98
N LEU A 111 23.28 6.06 -4.82
CA LEU A 111 22.79 6.58 -3.55
C LEU A 111 23.79 7.56 -3.02
N GLU A 112 23.30 8.70 -2.57
CA GLU A 112 24.08 9.78 -2.00
CA GLU A 112 24.15 9.71 -1.96
C GLU A 112 23.57 10.06 -0.60
N GLN A 113 24.30 10.88 0.12
CA GLN A 113 23.78 11.37 1.39
C GLN A 113 22.54 12.24 1.17
N GLN A 114 21.72 12.36 2.21
CA GLN A 114 20.68 13.38 2.19
C GLN A 114 21.27 14.77 1.99
N SER A 115 20.60 15.57 1.18
CA SER A 115 21.03 16.95 0.98
C SER A 115 21.26 17.64 2.33
N PRO A 116 22.42 18.26 2.54
CA PRO A 116 22.62 19.01 3.79
CA PRO A 116 22.61 18.99 3.80
C PRO A 116 21.65 20.17 3.94
N ASP A 117 21.15 20.73 2.83
CA ASP A 117 20.19 21.83 2.93
C ASP A 117 18.86 21.32 3.47
N ILE A 118 18.45 20.13 3.05
CA ILE A 118 17.26 19.52 3.64
C ILE A 118 17.50 19.23 5.10
N ALA A 119 18.63 18.58 5.41
CA ALA A 119 18.86 18.16 6.78
C ALA A 119 18.82 19.33 7.73
N GLN A 120 19.46 20.44 7.36
CA GLN A 120 19.48 21.59 8.26
C GLN A 120 18.10 22.20 8.43
N GLY A 121 17.27 22.12 7.44
CA GLY A 121 15.96 22.73 7.55
C GLY A 121 14.91 21.85 8.18
N VAL A 122 15.16 20.56 8.29
CA VAL A 122 14.19 19.59 8.76
C VAL A 122 14.50 19.12 10.17
N HIS A 123 15.73 18.63 10.41
CA HIS A 123 15.97 17.90 11.65
C HIS A 123 17.26 18.24 12.38
N LEU A 124 18.24 18.87 11.77
CA LEU A 124 19.48 19.14 12.48
C LEU A 124 19.23 20.06 13.65
N ASP A 125 19.75 19.69 14.81
CA ASP A 125 19.66 20.50 16.01
C ASP A 125 18.22 20.77 16.40
N ARG A 126 17.33 19.85 16.11
CA ARG A 126 15.95 19.99 16.56
C ARG A 126 15.58 18.91 17.55
N ASN A 127 14.82 19.28 18.55
CA ASN A 127 14.23 18.33 19.46
C ASN A 127 13.33 17.38 18.67
N GLU A 128 13.38 16.09 18.97
CA GLU A 128 12.68 15.13 18.11
C GLU A 128 11.21 15.47 17.95
N GLU A 129 10.52 15.79 19.04
CA GLU A 129 9.11 16.09 18.93
C GLU A 129 8.83 17.28 18.04
N ASP A 130 9.82 18.16 17.87
CA ASP A 130 9.70 19.41 17.12
C ASP A 130 10.46 19.36 15.82
N ILE A 131 10.80 18.18 15.31
CA ILE A 131 11.37 18.08 13.99
C ILE A 131 10.37 18.63 12.98
N GLY A 132 10.88 19.23 11.93
CA GLY A 132 10.00 19.70 10.87
C GLY A 132 9.55 18.57 9.98
N ALA A 133 8.43 18.77 9.29
CA ALA A 133 8.07 17.86 8.22
C ALA A 133 9.22 17.77 7.25
N GLY A 134 9.46 16.58 6.70
CA GLY A 134 10.54 16.40 5.75
C GLY A 134 10.30 16.96 4.37
N ASP A 135 9.07 17.38 4.08
CA ASP A 135 8.68 17.98 2.83
C ASP A 135 7.36 18.70 3.08
N GLN A 136 6.96 19.55 2.13
CA GLN A 136 5.56 19.95 2.07
C GLN A 136 4.72 18.78 1.54
N GLY A 137 3.42 18.92 1.61
CA GLY A 137 2.52 18.01 0.91
C GLY A 137 1.20 17.88 1.62
N LEU A 138 0.30 17.14 0.98
CA LEU A 138 -1.03 16.87 1.50
C LEU A 138 -1.22 15.37 1.56
N MET A 139 -1.98 14.90 2.55
CA MET A 139 -2.17 13.48 2.79
C MET A 139 -3.61 13.28 3.26
N PHE A 140 -4.19 12.14 2.91
CA PHE A 140 -5.53 11.81 3.36
C PHE A 140 -5.56 10.48 4.08
N GLY A 141 -6.51 10.38 5.02
CA GLY A 141 -6.87 9.10 5.62
C GLY A 141 -8.35 8.85 5.40
N TYR A 142 -8.70 7.59 5.28
CA TYR A 142 -10.07 7.21 4.97
C TYR A 142 -10.44 5.95 5.73
N ALA A 143 -11.71 5.86 6.11
CA ALA A 143 -12.23 4.64 6.68
C ALA A 143 -13.70 4.52 6.33
N THR A 144 -14.16 3.28 6.16
CA THR A 144 -15.53 2.98 5.78
C THR A 144 -15.99 1.76 6.54
N ASP A 145 -17.20 1.81 7.09
CA ASP A 145 -17.73 0.70 7.88
C ASP A 145 -18.22 -0.46 7.02
N GLU A 146 -18.00 -0.45 5.72
CA GLU A 146 -18.57 -1.49 4.88
C GLU A 146 -17.90 -2.84 5.09
N THR A 147 -16.70 -2.88 5.66
CA THR A 147 -16.01 -4.13 6.03
C THR A 147 -15.48 -3.97 7.45
N GLU A 148 -15.21 -5.10 8.11
CA GLU A 148 -14.71 -5.04 9.48
C GLU A 148 -13.35 -4.34 9.53
N GLU A 149 -12.54 -4.52 8.50
CA GLU A 149 -11.24 -3.84 8.49
C GLU A 149 -11.32 -2.40 8.06
N CYS A 150 -12.53 -1.88 7.88
CA CYS A 150 -12.79 -0.47 7.64
CA CYS A 150 -12.74 -0.47 7.64
C CYS A 150 -12.21 -0.01 6.30
N MET A 151 -12.23 -0.89 5.33
CA MET A 151 -11.73 -0.66 3.98
C MET A 151 -12.81 -0.92 2.93
N PRO A 152 -12.68 -0.31 1.74
CA PRO A 152 -13.63 -0.61 0.67
C PRO A 152 -13.55 -2.08 0.27
N LEU A 153 -14.72 -2.68 0.04
CA LEU A 153 -14.75 -4.09 -0.38
C LEU A 153 -14.03 -4.30 -1.70
N THR A 154 -14.15 -3.36 -2.64
CA THR A 154 -13.50 -3.54 -3.94
C THR A 154 -12.00 -3.82 -3.81
N ILE A 155 -11.32 -3.02 -2.99
N ILE A 155 -11.30 -3.01 -3.00
CA ILE A 155 -9.88 -3.14 -2.85
CA ILE A 155 -9.86 -3.21 -2.90
C ILE A 155 -9.51 -4.34 -1.99
C ILE A 155 -9.53 -4.39 -2.01
N VAL A 156 -10.29 -4.64 -0.94
CA VAL A 156 -10.03 -5.81 -0.14
C VAL A 156 -10.07 -7.06 -1.01
N LEU A 157 -11.11 -7.22 -1.79
CA LEU A 157 -11.22 -8.40 -2.64
C LEU A 157 -10.09 -8.44 -3.67
N ALA A 158 -9.77 -7.30 -4.27
CA ALA A 158 -8.69 -7.30 -5.25
C ALA A 158 -7.37 -7.74 -4.64
N HIS A 159 -7.04 -7.25 -3.44
CA HIS A 159 -5.81 -7.68 -2.77
C HIS A 159 -5.86 -9.17 -2.49
N LYS A 160 -6.99 -9.67 -1.97
CA LYS A 160 -7.06 -11.06 -1.59
CA LYS A 160 -7.09 -11.06 -1.59
C LYS A 160 -6.92 -11.99 -2.80
N LEU A 161 -7.37 -11.56 -3.96
CA LEU A 161 -7.19 -12.38 -5.15
C LEU A 161 -5.70 -12.52 -5.49
N ASN A 162 -4.93 -11.43 -5.38
CA ASN A 162 -3.48 -11.53 -5.58
C ASN A 162 -2.81 -12.40 -4.53
N ALA A 163 -3.23 -12.29 -3.27
CA ALA A 163 -2.64 -13.10 -2.22
C ALA A 163 -2.92 -14.58 -2.47
N LYS A 164 -4.12 -14.89 -2.95
CA LYS A 164 -4.47 -16.27 -3.26
C LYS A 164 -3.58 -16.81 -4.38
N LEU A 165 -3.34 -16.01 -5.42
CA LEU A 165 -2.42 -16.46 -6.46
C LEU A 165 -1.06 -16.78 -5.89
N ALA A 166 -0.52 -15.91 -5.04
CA ALA A 166 0.79 -16.19 -4.46
C ALA A 166 0.78 -17.45 -3.61
N GLU A 167 -0.30 -17.67 -2.88
CA GLU A 167 -0.43 -18.85 -2.04
C GLU A 167 -0.37 -20.11 -2.88
N LEU A 168 -1.13 -20.14 -3.98
CA LEU A 168 -1.22 -21.34 -4.81
C LEU A 168 0.03 -21.54 -5.65
N ARG A 169 0.75 -20.47 -5.94
CA ARG A 169 2.09 -20.60 -6.53
C ARG A 169 3.05 -21.22 -5.53
N ARG A 170 3.07 -20.68 -4.33
CA ARG A 170 4.07 -21.11 -3.37
C ARG A 170 3.79 -22.49 -2.83
N ASN A 171 2.54 -22.94 -2.81
CA ASN A 171 2.23 -24.28 -2.31
C ASN A 171 2.29 -25.34 -3.41
N GLY A 172 2.57 -24.93 -4.65
CA GLY A 172 2.76 -25.86 -5.72
C GLY A 172 1.50 -26.40 -6.33
N THR A 173 0.33 -25.94 -5.96
N THR A 173 0.34 -25.92 -5.88
CA THR A 173 -0.85 -26.54 -6.60
CA THR A 173 -0.96 -26.32 -6.43
C THR A 173 -1.16 -25.94 -7.96
C THR A 173 -1.05 -25.96 -7.92
N LEU A 174 -0.69 -24.72 -8.26
CA LEU A 174 -0.75 -24.16 -9.62
C LEU A 174 0.68 -23.80 -10.00
N PRO A 175 1.50 -24.79 -10.34
CA PRO A 175 2.95 -24.55 -10.51
CA PRO A 175 2.94 -24.50 -10.48
C PRO A 175 3.28 -23.73 -11.75
N TRP A 176 2.33 -23.55 -12.66
CA TRP A 176 2.52 -22.70 -13.82
C TRP A 176 2.45 -21.21 -13.51
N LEU A 177 2.02 -20.83 -12.32
CA LEU A 177 1.95 -19.43 -11.95
C LEU A 177 3.34 -18.85 -11.78
N ARG A 178 3.46 -17.57 -12.13
CA ARG A 178 4.64 -16.78 -11.86
CA ARG A 178 4.62 -16.73 -11.92
C ARG A 178 4.26 -15.59 -10.99
N PRO A 179 5.24 -14.82 -10.49
CA PRO A 179 4.92 -13.83 -9.44
C PRO A 179 4.18 -12.58 -9.87
N ASP A 180 4.21 -12.20 -11.15
CA ASP A 180 3.60 -10.95 -11.61
C ASP A 180 2.11 -11.16 -11.85
N SER A 181 1.27 -10.38 -11.17
CA SER A 181 -0.18 -10.50 -11.36
C SER A 181 -0.85 -9.15 -11.14
N LYS A 182 -2.04 -9.02 -11.70
CA LYS A 182 -2.92 -7.88 -11.46
C LYS A 182 -4.35 -8.42 -11.37
N THR A 183 -5.15 -7.76 -10.53
CA THR A 183 -6.56 -8.11 -10.39
C THR A 183 -7.38 -6.82 -10.36
N GLN A 184 -8.67 -6.94 -10.63
CA GLN A 184 -9.53 -5.77 -10.63
C GLN A 184 -10.94 -6.22 -10.34
N VAL A 185 -11.60 -5.52 -9.43
CA VAL A 185 -12.93 -5.90 -8.97
C VAL A 185 -13.87 -4.71 -9.08
N THR A 186 -15.00 -4.92 -9.76
CA THR A 186 -16.06 -3.94 -9.85
C THR A 186 -17.23 -4.45 -9.02
N VAL A 187 -17.69 -3.63 -8.09
CA VAL A 187 -18.81 -3.94 -7.21
C VAL A 187 -19.94 -2.98 -7.49
N GLN A 188 -21.16 -3.50 -7.48
CA GLN A 188 -22.35 -2.68 -7.46
C GLN A 188 -22.70 -2.33 -6.03
N TYR A 189 -22.83 -1.05 -5.75
CA TYR A 189 -23.09 -0.50 -4.44
C TYR A 189 -24.45 0.20 -4.42
N MET A 190 -25.01 0.27 -3.22
CA MET A 190 -26.13 1.13 -2.92
CA MET A 190 -26.15 1.11 -2.90
C MET A 190 -25.69 2.19 -1.94
N GLN A 191 -26.11 3.42 -2.16
CA GLN A 191 -25.81 4.48 -1.20
C GLN A 191 -26.78 4.38 -0.05
N ASP A 192 -26.33 4.77 1.16
CA ASP A 192 -27.11 4.60 2.37
C ASP A 192 -26.76 5.70 3.37
N ARG A 193 -27.41 6.85 3.23
CA ARG A 193 -27.26 7.95 4.16
C ARG A 193 -25.80 8.42 4.27
N GLY A 194 -25.13 8.48 3.12
CA GLY A 194 -23.73 8.84 3.07
C GLY A 194 -22.76 7.68 3.16
N ALA A 195 -23.18 6.55 3.72
CA ALA A 195 -22.41 5.33 3.71
C ALA A 195 -22.65 4.59 2.41
N VAL A 196 -21.88 3.54 2.18
CA VAL A 196 -22.03 2.74 0.98
C VAL A 196 -22.16 1.27 1.38
N LEU A 197 -23.01 0.56 0.65
CA LEU A 197 -23.35 -0.84 0.93
C LEU A 197 -23.07 -1.67 -0.30
N PRO A 198 -22.14 -2.62 -0.24
CA PRO A 198 -21.92 -3.48 -1.40
C PRO A 198 -23.08 -4.44 -1.61
N ILE A 199 -23.46 -4.64 -2.87
CA ILE A 199 -24.55 -5.52 -3.25
C ILE A 199 -24.01 -6.80 -3.90
N ARG A 200 -23.21 -6.65 -4.96
CA ARG A 200 -22.76 -7.80 -5.74
C ARG A 200 -21.51 -7.41 -6.48
N VAL A 201 -20.79 -8.43 -6.91
CA VAL A 201 -19.63 -8.26 -7.78
C VAL A 201 -20.10 -8.32 -9.22
N HIS A 202 -19.82 -7.24 -9.95
CA HIS A 202 -20.25 -7.06 -11.33
C HIS A 202 -19.24 -7.63 -12.31
N THR A 203 -17.94 -7.39 -12.09
CA THR A 203 -16.89 -7.82 -13.00
C THR A 203 -15.63 -8.11 -12.21
N ILE A 204 -14.91 -9.17 -12.57
CA ILE A 204 -13.58 -9.47 -12.04
C ILE A 204 -12.61 -9.64 -13.22
N VAL A 205 -11.45 -9.01 -13.11
CA VAL A 205 -10.32 -9.22 -14.01
C VAL A 205 -9.21 -9.90 -13.22
N ILE A 206 -8.56 -10.90 -13.82
CA ILE A 206 -7.32 -11.45 -13.30
C ILE A 206 -6.39 -11.67 -14.46
N SER A 207 -5.18 -11.10 -14.39
CA SER A 207 -4.09 -11.39 -15.32
C SER A 207 -2.89 -11.83 -14.50
N VAL A 208 -2.31 -12.98 -14.84
CA VAL A 208 -1.15 -13.47 -14.11
C VAL A 208 -0.15 -14.13 -15.06
N GLN A 209 1.12 -13.82 -14.84
CA GLN A 209 2.20 -14.40 -15.62
C GLN A 209 2.22 -15.91 -15.42
N HIS A 210 2.57 -16.62 -16.49
CA HIS A 210 2.45 -18.07 -16.48
C HIS A 210 3.56 -18.69 -17.32
N ASP A 211 3.72 -20.01 -17.16
CA ASP A 211 4.73 -20.73 -17.92
C ASP A 211 4.26 -21.00 -19.35
N GLU A 212 5.19 -21.47 -20.16
CA GLU A 212 4.96 -21.66 -21.59
CA GLU A 212 4.94 -21.65 -21.58
C GLU A 212 4.11 -22.88 -21.88
N GLU A 213 3.93 -23.78 -20.93
CA GLU A 213 3.27 -25.04 -21.21
C GLU A 213 1.78 -25.04 -20.96
N VAL A 214 1.28 -24.27 -19.98
CA VAL A 214 -0.12 -24.41 -19.58
C VAL A 214 -1.00 -23.75 -20.62
N CYS A 215 -2.16 -24.35 -20.89
CA CYS A 215 -3.03 -23.75 -21.88
C CYS A 215 -4.05 -22.82 -21.26
N LEU A 216 -4.61 -21.98 -22.12
CA LEU A 216 -5.47 -20.91 -21.70
C LEU A 216 -6.71 -21.41 -20.97
N ASP A 217 -7.33 -22.50 -21.42
CA ASP A 217 -8.55 -22.98 -20.79
C ASP A 217 -8.24 -23.55 -19.41
N GLU A 218 -7.10 -24.23 -19.25
CA GLU A 218 -6.73 -24.70 -17.93
C GLU A 218 -6.56 -23.52 -16.99
N MET A 219 -5.90 -22.45 -17.44
CA MET A 219 -5.71 -21.30 -16.59
C MET A 219 -7.04 -20.65 -16.22
N ARG A 220 -7.90 -20.44 -17.21
CA ARG A 220 -9.15 -19.75 -16.93
C ARG A 220 -10.02 -20.56 -15.97
N ASP A 221 -10.06 -21.87 -16.14
CA ASP A 221 -10.82 -22.70 -15.22
C ASP A 221 -10.24 -22.62 -13.81
N ALA A 222 -8.93 -22.69 -13.68
CA ALA A 222 -8.31 -22.61 -12.35
C ALA A 222 -8.52 -21.25 -11.71
N LEU A 223 -8.42 -20.19 -12.47
CA LEU A 223 -8.62 -18.85 -11.92
C LEU A 223 -10.04 -18.70 -11.38
N LYS A 224 -11.03 -19.27 -12.06
CA LYS A 224 -12.38 -19.18 -11.53
C LYS A 224 -12.56 -20.09 -10.33
N GLU A 225 -12.19 -21.36 -10.43
CA GLU A 225 -12.57 -22.32 -9.42
C GLU A 225 -11.66 -22.31 -8.20
N LYS A 226 -10.37 -22.09 -8.40
N LYS A 226 -10.36 -22.09 -8.38
CA LYS A 226 -9.38 -22.18 -7.33
CA LYS A 226 -9.42 -22.17 -7.27
C LYS A 226 -8.97 -20.83 -6.77
C LYS A 226 -8.97 -20.82 -6.75
N VAL A 227 -9.24 -19.75 -7.49
CA VAL A 227 -8.85 -18.41 -7.06
C VAL A 227 -10.09 -17.62 -6.68
N ILE A 228 -10.93 -17.29 -7.63
CA ILE A 228 -12.11 -16.47 -7.33
C ILE A 228 -13.02 -17.13 -6.31
N LYS A 229 -13.38 -18.39 -6.54
CA LYS A 229 -14.30 -19.03 -5.61
C LYS A 229 -13.70 -19.21 -4.22
N ALA A 230 -12.38 -19.27 -4.10
CA ALA A 230 -11.72 -19.38 -2.82
C ALA A 230 -11.62 -18.06 -2.08
N VAL A 231 -11.97 -16.94 -2.72
CA VAL A 231 -11.77 -15.60 -2.17
C VAL A 231 -13.10 -14.85 -2.01
N VAL A 232 -13.89 -14.82 -3.07
CA VAL A 232 -15.08 -13.98 -3.13
C VAL A 232 -16.29 -14.78 -2.65
N PRO A 233 -17.00 -14.34 -1.62
CA PRO A 233 -18.20 -15.04 -1.18
C PRO A 233 -19.20 -15.24 -2.31
N ALA A 234 -19.77 -16.44 -2.35
CA ALA A 234 -20.74 -16.78 -3.40
C ALA A 234 -21.92 -15.84 -3.43
N LYS A 235 -22.31 -15.27 -2.29
CA LYS A 235 -23.45 -14.38 -2.26
C LYS A 235 -23.24 -13.13 -3.12
N TYR A 236 -22.00 -12.81 -3.48
CA TYR A 236 -21.72 -11.67 -4.34
C TYR A 236 -21.61 -12.02 -5.81
N LEU A 237 -21.59 -13.31 -6.14
CA LEU A 237 -21.38 -13.77 -7.52
C LEU A 237 -22.69 -14.34 -8.04
N ASP A 238 -23.05 -13.98 -9.26
CA ASP A 238 -24.29 -14.54 -9.82
C ASP A 238 -24.11 -14.79 -11.30
N GLU A 239 -25.21 -15.17 -11.95
CA GLU A 239 -25.18 -15.52 -13.36
C GLU A 239 -24.73 -14.35 -14.23
N ASP A 240 -24.89 -13.11 -13.74
CA ASP A 240 -24.55 -11.94 -14.52
C ASP A 240 -23.13 -11.44 -14.32
N THR A 241 -22.42 -11.96 -13.32
CA THR A 241 -21.06 -11.49 -13.09
C THR A 241 -20.19 -11.77 -14.32
N ILE A 242 -19.40 -10.80 -14.70
CA ILE A 242 -18.53 -10.87 -15.87
C ILE A 242 -17.13 -11.20 -15.41
N TYR A 243 -16.50 -12.17 -16.08
CA TYR A 243 -15.14 -12.61 -15.77
C TYR A 243 -14.22 -12.36 -16.96
N HIS A 244 -13.13 -11.65 -16.72
CA HIS A 244 -12.07 -11.39 -17.70
C HIS A 244 -10.81 -12.03 -17.12
N LEU A 245 -10.57 -13.28 -17.46
CA LEU A 245 -9.50 -14.10 -16.88
C LEU A 245 -8.48 -14.34 -17.99
N GLN A 246 -7.24 -13.94 -17.74
CA GLN A 246 -6.20 -13.92 -18.77
C GLN A 246 -6.73 -13.24 -20.04
N PRO A 247 -7.29 -12.03 -19.93
CA PRO A 247 -7.89 -11.40 -21.11
C PRO A 247 -6.91 -11.05 -22.21
N SER A 248 -5.64 -10.92 -21.94
CA SER A 248 -4.69 -10.68 -23.02
C SER A 248 -4.40 -11.92 -23.84
N GLY A 249 -4.76 -13.10 -23.36
CA GLY A 249 -4.51 -14.34 -24.06
C GLY A 249 -3.17 -14.99 -23.84
N ARG A 250 -2.16 -14.23 -23.48
CA ARG A 250 -0.81 -14.77 -23.29
C ARG A 250 -0.02 -13.80 -22.44
N PHE A 251 0.60 -14.31 -21.37
CA PHE A 251 1.35 -13.52 -20.39
C PHE A 251 2.49 -14.40 -19.90
N VAL A 252 3.37 -14.80 -20.81
CA VAL A 252 4.57 -15.58 -20.47
C VAL A 252 5.69 -14.64 -20.07
N ILE A 253 5.94 -13.60 -20.85
CA ILE A 253 6.86 -12.53 -20.49
C ILE A 253 6.21 -11.70 -19.41
N GLY A 254 6.89 -11.49 -18.29
CA GLY A 254 6.35 -10.71 -17.21
C GLY A 254 7.45 -10.22 -16.28
N GLY A 255 7.05 -9.70 -15.14
CA GLY A 255 7.99 -9.04 -14.28
C GLY A 255 8.62 -7.85 -14.98
N PRO A 256 9.81 -7.42 -14.51
CA PRO A 256 10.47 -6.25 -15.11
C PRO A 256 10.77 -6.41 -16.59
N GLN A 257 10.92 -7.64 -17.07
CA GLN A 257 11.13 -7.86 -18.49
C GLN A 257 9.93 -7.42 -19.31
N GLY A 258 8.72 -7.62 -18.80
CA GLY A 258 7.54 -7.19 -19.53
C GLY A 258 7.20 -5.72 -19.41
N ASP A 259 7.64 -5.06 -18.34
CA ASP A 259 7.20 -3.71 -18.04
C ASP A 259 8.13 -3.16 -16.98
N ALA A 260 8.70 -1.99 -17.20
CA ALA A 260 9.53 -1.37 -16.17
C ALA A 260 8.72 -1.08 -14.91
N GLY A 261 9.38 -1.23 -13.78
CA GLY A 261 8.81 -0.89 -12.49
C GLY A 261 9.56 0.26 -11.85
N LEU A 262 8.83 1.03 -11.06
CA LEU A 262 9.41 2.10 -10.25
C LEU A 262 8.72 2.13 -8.90
N THR A 263 9.45 2.55 -7.86
CA THR A 263 8.83 2.78 -6.57
C THR A 263 7.77 3.87 -6.67
N GLY A 264 6.69 3.70 -5.95
CA GLY A 264 5.70 4.76 -5.82
C GLY A 264 4.82 4.96 -7.02
N ARG A 265 4.60 3.91 -7.78
CA ARG A 265 3.73 3.91 -8.96
C ARG A 265 2.49 3.07 -8.75
N LYS A 266 2.21 2.68 -7.50
CA LYS A 266 1.01 1.93 -7.13
C LYS A 266 0.37 2.57 -5.91
N ILE A 267 0.28 3.90 -5.90
CA ILE A 267 -0.10 4.58 -4.65
C ILE A 267 -1.57 4.43 -4.33
N ILE A 268 -2.40 4.13 -5.32
CA ILE A 268 -3.83 3.91 -5.10
C ILE A 268 -4.08 2.47 -4.66
N VAL A 269 -3.34 1.51 -5.23
CA VAL A 269 -3.30 0.15 -4.69
C VAL A 269 -2.83 0.13 -3.25
N ASP A 270 -1.89 1.01 -2.91
CA ASP A 270 -1.33 1.03 -1.56
C ASP A 270 -2.32 1.55 -0.53
N THR A 271 -3.36 2.27 -0.97
CA THR A 271 -4.22 3.04 -0.07
C THR A 271 -5.65 2.52 -0.20
N TYR A 272 -6.54 3.21 -0.92
CA TYR A 272 -7.98 2.95 -0.82
C TYR A 272 -8.63 2.58 -2.14
N GLY A 273 -7.85 2.26 -3.18
CA GLY A 273 -8.46 1.73 -4.40
C GLY A 273 -9.33 2.70 -5.14
N GLY A 274 -9.08 4.00 -4.97
CA GLY A 274 -9.82 5.03 -5.62
C GLY A 274 -10.84 5.71 -4.72
N TRP A 275 -11.18 5.10 -3.59
CA TRP A 275 -12.08 5.68 -2.63
C TRP A 275 -11.33 6.73 -1.80
N GLY A 276 -12.08 7.55 -1.07
CA GLY A 276 -11.45 8.57 -0.24
C GLY A 276 -10.81 9.63 -1.09
N ALA A 277 -9.49 9.78 -1.00
CA ALA A 277 -8.72 10.74 -1.79
C ALA A 277 -7.24 10.40 -1.58
N HIS A 278 -6.39 11.01 -2.40
CA HIS A 278 -4.96 10.80 -2.29
C HIS A 278 -4.25 12.12 -2.53
N GLY A 279 -3.19 12.38 -1.76
CA GLY A 279 -2.40 13.59 -1.93
C GLY A 279 -1.21 13.47 -2.84
N GLY A 280 -0.89 12.28 -3.33
CA GLY A 280 0.13 12.09 -4.34
C GLY A 280 1.42 11.47 -3.86
N GLY A 281 1.67 11.46 -2.56
CA GLY A 281 2.96 10.98 -2.07
C GLY A 281 3.00 9.47 -1.98
N ALA A 282 4.14 8.93 -2.34
CA ALA A 282 4.41 7.51 -2.20
C ALA A 282 4.91 7.20 -0.81
N PHE A 283 4.74 5.95 -0.39
CA PHE A 283 5.14 5.49 0.92
C PHE A 283 6.52 4.85 0.97
N SER A 284 6.84 3.95 0.04
CA SER A 284 7.96 3.03 0.25
C SER A 284 9.30 3.72 0.10
N GLY A 285 10.25 3.24 0.89
CA GLY A 285 11.60 3.74 0.85
C GLY A 285 11.88 4.96 1.70
N LYS A 286 10.94 5.38 2.55
CA LYS A 286 10.99 6.64 3.29
C LYS A 286 10.89 6.39 4.78
N ASP A 287 11.77 7.03 5.54
CA ASP A 287 11.69 7.05 7.00
C ASP A 287 10.58 8.01 7.48
N TYR A 288 10.33 7.98 8.78
CA TYR A 288 9.17 8.65 9.35
C TYR A 288 9.18 10.16 9.15
N THR A 289 10.34 10.78 8.96
CA THR A 289 10.35 12.22 8.80
C THR A 289 9.70 12.65 7.50
N LYS A 290 9.54 11.73 6.55
CA LYS A 290 8.82 11.99 5.31
C LYS A 290 7.34 11.81 5.59
N VAL A 291 6.66 12.95 5.77
CA VAL A 291 5.23 12.96 6.08
C VAL A 291 4.35 12.31 5.04
N ASP A 292 4.84 12.17 3.80
CA ASP A 292 4.08 11.41 2.82
C ASP A 292 3.65 10.07 3.37
N ARG A 293 4.53 9.43 4.13
CA ARG A 293 4.19 8.16 4.77
C ARG A 293 3.62 8.36 6.18
N SER A 294 4.37 8.99 7.07
CA SER A 294 3.94 9.03 8.46
C SER A 294 2.61 9.75 8.66
N ALA A 295 2.38 10.83 7.94
CA ALA A 295 1.12 11.56 8.13
C ALA A 295 -0.04 10.83 7.46
N ALA A 296 0.21 10.14 6.36
CA ALA A 296 -0.84 9.31 5.79
C ALA A 296 -1.21 8.15 6.72
N TYR A 297 -0.21 7.54 7.37
CA TYR A 297 -0.51 6.51 8.34
C TYR A 297 -1.30 7.08 9.51
N ALA A 298 -0.89 8.25 9.99
CA ALA A 298 -1.60 8.87 11.10
C ALA A 298 -3.01 9.26 10.69
N ALA A 299 -3.20 9.71 9.45
CA ALA A 299 -4.54 10.09 9.02
C ALA A 299 -5.45 8.88 8.90
N ARG A 300 -4.92 7.75 8.44
CA ARG A 300 -5.68 6.49 8.47
C ARG A 300 -6.08 6.17 9.89
N TRP A 301 -5.13 6.29 10.83
CA TRP A 301 -5.37 5.98 12.22
C TRP A 301 -6.48 6.86 12.78
N VAL A 302 -6.47 8.15 12.45
CA VAL A 302 -7.56 9.04 12.86
C VAL A 302 -8.88 8.59 12.27
N ALA A 303 -8.92 8.37 10.95
CA ALA A 303 -10.17 7.99 10.30
C ALA A 303 -10.74 6.71 10.89
N LYS A 304 -9.90 5.71 11.05
CA LYS A 304 -10.35 4.44 11.59
C LYS A 304 -10.82 4.61 13.03
N SER A 305 -10.14 5.46 13.81
CA SER A 305 -10.55 5.71 15.19
C SER A 305 -11.93 6.34 15.23
N LEU A 306 -12.22 7.26 14.31
CA LEU A 306 -13.52 7.91 14.26
C LEU A 306 -14.62 6.91 13.92
N VAL A 307 -14.38 6.00 12.96
CA VAL A 307 -15.39 5.02 12.57
C VAL A 307 -15.56 3.98 13.68
N LYS A 308 -14.48 3.37 14.15
CA LYS A 308 -14.59 2.34 15.18
C LYS A 308 -15.10 2.91 16.49
N GLY A 309 -14.89 4.18 16.74
CA GLY A 309 -15.42 4.83 17.91
C GLY A 309 -16.88 5.21 17.81
N GLY A 310 -17.52 4.90 16.70
CA GLY A 310 -18.94 5.13 16.53
C GLY A 310 -19.32 6.55 16.23
N LEU A 311 -18.36 7.40 15.84
CA LEU A 311 -18.68 8.79 15.56
C LEU A 311 -19.14 8.98 14.13
N CYS A 312 -18.74 8.11 13.23
CA CYS A 312 -19.02 8.21 11.79
CA CYS A 312 -19.24 8.17 11.87
C CYS A 312 -19.14 6.79 11.24
N ARG A 313 -19.79 6.64 10.09
CA ARG A 313 -19.72 5.40 9.34
C ARG A 313 -18.67 5.43 8.24
N ARG A 314 -18.30 6.62 7.81
CA ARG A 314 -17.40 6.82 6.68
C ARG A 314 -16.80 8.19 6.84
N VAL A 315 -15.49 8.32 6.64
CA VAL A 315 -14.85 9.60 6.91
C VAL A 315 -13.57 9.74 6.10
N LEU A 316 -13.29 10.97 5.72
CA LEU A 316 -12.09 11.37 5.00
C LEU A 316 -11.43 12.50 5.78
N VAL A 317 -10.13 12.37 6.03
CA VAL A 317 -9.33 13.33 6.77
C VAL A 317 -8.23 13.83 5.84
N GLN A 318 -8.06 15.14 5.73
CA GLN A 318 -6.90 15.72 5.03
C GLN A 318 -6.00 16.42 6.04
N VAL A 319 -4.71 16.27 5.85
N VAL A 319 -4.70 16.31 5.82
CA VAL A 319 -3.71 17.07 6.54
CA VAL A 319 -3.68 17.01 6.59
C VAL A 319 -2.75 17.60 5.49
C VAL A 319 -2.57 17.45 5.64
N SER A 320 -2.02 18.66 5.86
CA SER A 320 -0.96 19.14 4.99
C SER A 320 0.15 19.75 5.82
N TYR A 321 1.34 19.88 5.20
CA TYR A 321 2.55 20.30 5.87
C TYR A 321 3.36 21.23 4.98
N ALA A 322 4.28 21.97 5.62
CA ALA A 322 5.34 22.69 4.94
C ALA A 322 6.68 22.11 5.39
N ILE A 323 7.65 21.97 4.49
CA ILE A 323 8.98 21.50 4.89
C ILE A 323 9.52 22.36 6.01
N GLY A 324 10.06 21.71 7.04
CA GLY A 324 10.67 22.41 8.14
C GLY A 324 9.75 22.83 9.24
N VAL A 325 8.43 22.67 9.07
CA VAL A 325 7.42 23.08 10.04
C VAL A 325 6.82 21.83 10.65
N SER A 326 6.74 21.77 11.97
CA SER A 326 6.32 20.53 12.61
CA SER A 326 6.32 20.55 12.66
C SER A 326 4.81 20.32 12.55
N HIS A 327 4.02 21.32 12.93
CA HIS A 327 2.57 21.13 12.98
C HIS A 327 1.98 21.20 11.58
N PRO A 328 0.93 20.43 11.32
CA PRO A 328 0.26 20.55 10.02
C PRO A 328 -0.22 21.97 9.80
N LEU A 329 -0.21 22.37 8.54
N LEU A 329 -0.19 22.38 8.53
CA LEU A 329 -0.74 23.67 8.11
CA LEU A 329 -0.75 23.66 8.12
C LEU A 329 -2.25 23.68 8.04
C LEU A 329 -2.27 23.64 8.20
N SER A 330 -2.87 22.51 7.82
CA SER A 330 -4.31 22.39 7.74
C SER A 330 -4.69 20.99 8.18
N ILE A 331 -5.87 20.88 8.79
CA ILE A 331 -6.51 19.61 9.09
C ILE A 331 -7.98 19.78 8.73
N SER A 332 -8.54 18.82 8.00
CA SER A 332 -9.92 18.90 7.55
C SER A 332 -10.55 17.53 7.63
N ILE A 333 -11.85 17.51 7.86
CA ILE A 333 -12.61 16.29 8.00
C ILE A 333 -13.89 16.40 7.19
N PHE A 334 -14.26 15.31 6.55
CA PHE A 334 -15.52 15.21 5.83
C PHE A 334 -16.12 13.86 6.17
N HIS A 335 -17.36 13.86 6.70
CA HIS A 335 -17.98 12.62 7.15
C HIS A 335 -19.10 12.12 6.25
N TYR A 336 -19.28 12.72 5.08
CA TYR A 336 -20.22 12.25 4.07
C TYR A 336 -21.66 12.27 4.55
N GLY A 337 -21.94 12.96 5.65
CA GLY A 337 -23.26 12.92 6.25
C GLY A 337 -23.51 11.75 7.19
N THR A 338 -22.47 11.02 7.58
CA THR A 338 -22.63 9.80 8.35
C THR A 338 -22.40 9.97 9.85
N SER A 339 -22.37 11.21 10.34
CA SER A 339 -22.27 11.50 11.77
C SER A 339 -23.40 12.45 12.15
N GLN A 340 -23.86 12.31 13.39
CA GLN A 340 -24.75 13.32 13.96
C GLN A 340 -23.98 14.57 14.37
N LYS A 341 -22.67 14.47 14.58
CA LYS A 341 -21.85 15.62 14.87
C LYS A 341 -21.46 16.33 13.59
N SER A 342 -21.30 17.64 13.68
CA SER A 342 -20.78 18.38 12.56
C SER A 342 -19.30 18.04 12.36
N GLU A 343 -18.81 18.32 11.15
CA GLU A 343 -17.39 18.17 10.90
C GLU A 343 -16.56 19.08 11.79
N ARG A 344 -17.05 20.28 12.08
CA ARG A 344 -16.35 21.15 13.02
C ARG A 344 -16.18 20.47 14.37
N GLU A 345 -17.23 19.82 14.87
CA GLU A 345 -17.11 19.11 16.14
C GLU A 345 -16.14 17.94 16.03
N LEU A 346 -16.19 17.18 14.94
CA LEU A 346 -15.23 16.09 14.79
C LEU A 346 -13.80 16.62 14.76
N LEU A 347 -13.60 17.76 14.09
CA LEU A 347 -12.27 18.33 14.03
C LEU A 347 -11.77 18.69 15.43
N GLU A 348 -12.64 19.24 16.28
CA GLU A 348 -12.22 19.51 17.65
C GLU A 348 -11.88 18.23 18.40
N ILE A 349 -12.64 17.17 18.19
CA ILE A 349 -12.32 15.88 18.81
C ILE A 349 -10.96 15.39 18.34
N VAL A 350 -10.70 15.50 17.05
CA VAL A 350 -9.40 15.06 16.53
C VAL A 350 -8.28 15.88 17.14
N LYS A 351 -8.46 17.22 17.17
CA LYS A 351 -7.44 18.10 17.74
C LYS A 351 -7.14 17.75 19.18
N LYS A 352 -8.16 17.39 19.96
CA LYS A 352 -7.96 17.07 21.37
C LYS A 352 -7.34 15.69 21.60
N ASN A 353 -7.40 14.80 20.62
CA ASN A 353 -6.97 13.43 20.83
C ASN A 353 -5.70 13.05 20.07
N PHE A 354 -5.28 13.84 19.10
CA PHE A 354 -4.14 13.48 18.27
C PHE A 354 -3.20 14.66 18.14
N ASP A 355 -1.92 14.35 18.05
CA ASP A 355 -0.86 15.31 17.78
C ASP A 355 -0.17 14.84 16.51
N LEU A 356 -0.37 15.58 15.43
CA LEU A 356 0.06 15.14 14.11
C LEU A 356 1.40 15.75 13.68
N ARG A 357 2.19 16.20 14.63
CA ARG A 357 3.59 16.49 14.33
C ARG A 357 4.31 15.18 14.02
N PRO A 358 5.19 15.16 13.02
CA PRO A 358 5.89 13.90 12.71
C PRO A 358 6.70 13.34 13.87
N GLY A 359 7.29 14.20 14.67
CA GLY A 359 8.06 13.77 15.82
C GLY A 359 7.24 13.28 16.97
N VAL A 360 5.92 13.38 16.91
CA VAL A 360 5.02 12.70 17.84
C VAL A 360 4.38 11.47 17.21
N ILE A 361 3.96 11.57 15.95
CA ILE A 361 3.49 10.38 15.22
C ILE A 361 4.48 9.23 15.34
N VAL A 362 5.78 9.52 15.24
CA VAL A 362 6.78 8.45 15.28
C VAL A 362 6.67 7.66 16.58
N ARG A 363 6.39 8.35 17.69
CA ARG A 363 6.23 7.69 18.98
C ARG A 363 4.93 6.91 19.05
N ASP A 364 3.84 7.52 18.63
CA ASP A 364 2.54 6.87 18.74
C ASP A 364 2.45 5.63 17.86
N LEU A 365 3.05 5.66 16.67
CA LEU A 365 2.94 4.58 15.70
C LEU A 365 4.22 3.75 15.59
N ASP A 366 5.22 4.03 16.43
CA ASP A 366 6.44 3.22 16.53
C ASP A 366 7.17 3.13 15.19
N LEU A 367 7.35 4.28 14.55
CA LEU A 367 7.75 4.29 13.14
C LEU A 367 9.24 4.18 12.90
N LYS A 368 10.05 4.00 13.94
CA LYS A 368 11.43 3.57 13.73
C LYS A 368 11.58 2.06 13.64
N LYS A 369 10.52 1.31 13.86
CA LYS A 369 10.62 -0.16 13.83
C LYS A 369 10.71 -0.65 12.38
N PRO A 370 11.57 -1.63 12.12
CA PRO A 370 11.78 -2.10 10.74
C PRO A 370 10.72 -3.09 10.29
N ILE A 371 9.49 -2.63 10.13
CA ILE A 371 8.37 -3.46 9.68
C ILE A 371 7.89 -3.05 8.29
N TYR A 372 8.64 -2.21 7.60
CA TYR A 372 8.10 -1.59 6.41
C TYR A 372 8.01 -2.54 5.22
N GLN A 373 8.92 -3.49 5.06
CA GLN A 373 8.76 -4.38 3.91
C GLN A 373 7.43 -5.10 3.96
N ARG A 374 6.91 -5.38 5.15
CA ARG A 374 5.62 -6.03 5.26
C ARG A 374 4.47 -5.18 4.76
N THR A 375 4.63 -3.86 4.73
CA THR A 375 3.56 -2.98 4.26
C THR A 375 3.50 -2.88 2.75
N ALA A 376 4.54 -3.30 2.03
CA ALA A 376 4.78 -2.92 0.63
C ALA A 376 4.11 -3.79 -0.41
N ALA A 377 3.31 -4.76 -0.02
CA ALA A 377 2.41 -5.47 -0.92
C ALA A 377 1.09 -5.69 -0.20
N TYR A 378 0.00 -5.73 -0.96
CA TYR A 378 -1.34 -6.01 -0.47
C TYR A 378 -1.96 -4.86 0.32
N GLY A 379 -1.42 -3.67 0.17
CA GLY A 379 -1.96 -2.45 0.75
C GLY A 379 -1.39 -2.18 2.12
N HIS A 380 -1.27 -0.89 2.45
CA HIS A 380 -0.70 -0.49 3.74
C HIS A 380 -1.74 -0.48 4.84
N PHE A 381 -3.01 -0.54 4.48
CA PHE A 381 -4.12 -0.33 5.41
C PHE A 381 -5.03 -1.54 5.39
N GLY A 382 -5.75 -1.74 6.48
CA GLY A 382 -6.73 -2.80 6.58
C GLY A 382 -6.20 -4.16 6.91
N ARG A 383 -4.95 -4.29 7.30
CA ARG A 383 -4.30 -5.58 7.49
C ARG A 383 -3.44 -5.58 8.74
N ASP A 384 -3.39 -6.73 9.40
CA ASP A 384 -2.29 -7.15 10.27
C ASP A 384 -2.14 -6.37 11.57
N SER A 385 -3.10 -5.53 11.92
CA SER A 385 -3.07 -4.80 13.18
C SER A 385 -1.76 -4.04 13.37
N PHE A 386 -1.24 -3.42 12.30
CA PHE A 386 -0.17 -2.42 12.40
C PHE A 386 -0.64 -1.32 13.34
N PRO A 387 0.27 -0.49 13.90
CA PRO A 387 -0.20 0.48 14.90
C PRO A 387 -1.28 1.43 14.41
N TRP A 388 -1.23 1.83 13.15
CA TRP A 388 -2.22 2.75 12.60
C TRP A 388 -3.57 2.09 12.36
N GLU A 389 -3.64 0.77 12.54
CA GLU A 389 -4.87 0.01 12.40
C GLU A 389 -5.52 -0.30 13.74
N VAL A 390 -4.89 0.08 14.84
CA VAL A 390 -5.43 -0.13 16.18
C VAL A 390 -6.09 1.18 16.60
N PRO A 391 -7.41 1.24 16.66
CA PRO A 391 -8.04 2.55 16.93
CA PRO A 391 -8.05 2.54 16.93
C PRO A 391 -7.63 3.12 18.27
N LYS A 392 -7.53 4.44 18.33
CA LYS A 392 -7.36 5.14 19.59
C LYS A 392 -8.71 5.38 20.23
N LYS A 393 -8.79 5.11 21.54
CA LYS A 393 -9.99 5.45 22.31
CA LYS A 393 -9.99 5.44 22.31
C LYS A 393 -10.08 6.96 22.46
N LEU A 394 -11.17 7.54 22.02
CA LEU A 394 -11.29 8.99 21.97
C LEU A 394 -11.99 9.55 23.20
N LYS A 395 -11.46 10.66 23.69
CA LYS A 395 -12.04 11.40 24.81
C LYS A 395 -12.74 12.63 24.26
N TYR A 396 -14.02 12.78 24.61
CA TYR A 396 -14.83 13.89 24.14
C TYR A 396 -16.09 13.94 24.97
#